data_4YZG
#
_entry.id   4YZG
#
_cell.length_a   55.399
_cell.length_b   73.879
_cell.length_c   81.998
_cell.angle_alpha   90.00
_cell.angle_beta   109.15
_cell.angle_gamma   90.00
#
_symmetry.space_group_name_H-M   'P 1 21 1'
#
loop_
_entity.id
_entity.type
_entity.pdbx_description
1 polymer 'Protein phosphatase 2C 57'
2 non-polymer 'MANGANESE (II) ION'
3 non-polymer 'SULFATE ION'
4 water water
#
_entity_poly.entity_id   1
_entity_poly.type   'polypeptide(L)'
_entity_poly.pdbx_seq_one_letter_code
;MRWGYTSVQGFRDEMEDDIVIRSDAVDSFSYAAVFDGHAGSSSVKFLREELYKECVGALQAGSLLNGGDFAAIKEALIKA
FESVDRNLLKWLEANGDEEDESGSTATVMIIRNDVSFIAHIGDSCAVLSRSGQIEELTDYHRPYGSSRAAIQEVKRVKEA
GGWIVNGRICGDIAVSRAFGDIRFKTKKNDMLKKGVDEGRWSEKFVSRIEFKGDMVVATPDIFQVPLTSDVEFIILASDG
LWDYMKSSDVVSYVRDQLRKHGNVQLACESLAQVALDRRSQDNISIIIADLGRTLEHHHHHH
;
_entity_poly.pdbx_strand_id   A,B
#
loop_
_chem_comp.id
_chem_comp.type
_chem_comp.name
_chem_comp.formula
MN non-polymer 'MANGANESE (II) ION' 'Mn 2'
SO4 non-polymer 'SULFATE ION' 'O4 S -2'
#
# COMPACT_ATOMS: atom_id res chain seq x y z
N MET A 1 -0.32 -16.77 5.55
CA MET A 1 -1.09 -16.94 4.33
C MET A 1 -0.23 -16.69 3.11
N ARG A 2 -0.65 -17.23 1.97
CA ARG A 2 0.08 -17.10 0.72
C ARG A 2 -0.90 -16.70 -0.38
N TRP A 3 -0.46 -15.85 -1.30
CA TRP A 3 -1.30 -15.40 -2.40
C TRP A 3 -0.96 -16.08 -3.71
N GLY A 4 -2.00 -16.43 -4.46
CA GLY A 4 -1.86 -16.86 -5.85
C GLY A 4 -2.67 -15.91 -6.70
N TYR A 5 -2.16 -15.48 -7.85
CA TYR A 5 -2.96 -14.58 -8.68
C TYR A 5 -2.62 -14.78 -10.14
N THR A 6 -3.60 -14.50 -10.97
CA THR A 6 -3.36 -14.47 -12.39
C THR A 6 -4.39 -13.56 -13.05
N SER A 7 -3.96 -12.86 -14.09
CA SER A 7 -4.87 -11.93 -14.73
C SER A 7 -4.48 -11.91 -16.19
N VAL A 8 -5.30 -12.54 -17.03
CA VAL A 8 -4.92 -12.76 -18.43
C VAL A 8 -6.01 -12.27 -19.37
N GLN A 9 -5.57 -11.90 -20.56
CA GLN A 9 -6.46 -11.31 -21.55
C GLN A 9 -7.34 -12.36 -22.18
N GLY A 10 -6.81 -13.56 -22.37
CA GLY A 10 -7.55 -14.62 -23.04
C GLY A 10 -7.93 -14.27 -24.47
N PHE A 11 -9.14 -14.63 -24.85
CA PHE A 11 -9.55 -14.46 -26.25
C PHE A 11 -10.18 -13.09 -26.59
N ARG A 12 -10.07 -12.14 -25.68
CA ARG A 12 -10.57 -10.79 -25.91
C ARG A 12 -9.52 -9.97 -26.62
N ASP A 13 -9.97 -9.00 -27.41
CA ASP A 13 -9.06 -8.14 -28.16
C ASP A 13 -8.46 -7.01 -27.33
N GLU A 14 -8.84 -6.95 -26.08
CA GLU A 14 -8.28 -5.99 -25.15
C GLU A 14 -8.31 -6.56 -23.74
N MET A 15 -7.45 -6.03 -22.87
CA MET A 15 -7.43 -6.42 -21.47
C MET A 15 -8.08 -5.32 -20.63
N GLU A 16 -9.24 -5.64 -20.05
CA GLU A 16 -9.94 -4.68 -19.21
C GLU A 16 -10.15 -5.15 -17.77
N ASP A 17 -9.60 -6.31 -17.42
CA ASP A 17 -9.55 -6.73 -16.02
C ASP A 17 -8.30 -6.16 -15.38
N ASP A 18 -8.33 -6.00 -14.06
CA ASP A 18 -7.09 -5.80 -13.32
C ASP A 18 -7.24 -6.33 -11.92
N ILE A 19 -6.11 -6.49 -11.25
CA ILE A 19 -6.08 -7.06 -9.90
C ILE A 19 -5.11 -6.24 -9.06
N VAL A 20 -5.41 -6.17 -7.77
CA VAL A 20 -4.57 -5.46 -6.82
C VAL A 20 -4.47 -6.33 -5.57
N ILE A 21 -3.25 -6.50 -5.04
CA ILE A 21 -3.08 -7.20 -3.76
C ILE A 21 -2.02 -6.43 -2.98
N ARG A 22 -2.41 -5.83 -1.86
CA ARG A 22 -1.50 -5.01 -1.04
C ARG A 22 -1.60 -5.48 0.39
N SER A 23 -0.46 -5.75 1.02
CA SER A 23 -0.44 -6.25 2.39
C SER A 23 0.35 -5.31 3.30
N ASP A 24 -0.02 -5.29 4.57
CA ASP A 24 0.69 -4.50 5.56
C ASP A 24 0.99 -5.46 6.69
N ALA A 25 2.25 -5.86 6.83
CA ALA A 25 2.62 -6.88 7.81
C ALA A 25 2.47 -6.42 9.24
N VAL A 26 2.85 -5.17 9.48
CA VAL A 26 2.83 -4.63 10.83
C VAL A 26 1.43 -4.56 11.42
N ASP A 27 0.45 -4.19 10.60
CA ASP A 27 -0.94 -4.10 11.05
C ASP A 27 -1.78 -5.34 10.73
N SER A 28 -1.14 -6.37 10.18
CA SER A 28 -1.84 -7.61 9.80
C SER A 28 -3.07 -7.35 8.94
N PHE A 29 -2.89 -6.51 7.93
CA PHE A 29 -3.97 -6.00 7.10
C PHE A 29 -3.65 -6.35 5.67
N SER A 30 -4.66 -6.72 4.90
CA SER A 30 -4.42 -6.80 3.46
C SER A 30 -5.66 -6.39 2.69
N TYR A 31 -5.42 -5.97 1.46
CA TYR A 31 -6.48 -5.55 0.54
C TYR A 31 -6.26 -6.26 -0.78
N ALA A 32 -7.29 -6.95 -1.28
CA ALA A 32 -7.19 -7.64 -2.55
C ALA A 32 -8.41 -7.25 -3.36
N ALA A 33 -8.24 -6.96 -4.64
CA ALA A 33 -9.39 -6.56 -5.45
C ALA A 33 -9.28 -7.10 -6.85
N VAL A 34 -10.44 -7.51 -7.38
CA VAL A 34 -10.58 -7.82 -8.78
C VAL A 34 -11.49 -6.78 -9.41
N PHE A 35 -11.01 -6.16 -10.50
CA PHE A 35 -11.81 -5.16 -11.23
C PHE A 35 -12.08 -5.71 -12.61
N ASP A 36 -13.34 -5.70 -13.04
CA ASP A 36 -13.62 -6.12 -14.41
C ASP A 36 -14.17 -4.90 -15.15
N GLY A 37 -13.32 -4.27 -15.96
CA GLY A 37 -13.72 -3.08 -16.69
C GLY A 37 -14.61 -3.40 -17.87
N HIS A 38 -15.45 -2.44 -18.24
CA HIS A 38 -16.17 -2.54 -19.50
C HIS A 38 -16.13 -1.20 -20.24
N ALA A 39 -16.18 -1.28 -21.57
CA ALA A 39 -16.21 -0.10 -22.44
C ALA A 39 -15.02 0.84 -22.21
N GLY A 40 -13.86 0.22 -21.99
CA GLY A 40 -12.62 0.96 -21.87
C GLY A 40 -11.96 0.64 -20.54
N SER A 41 -10.77 1.18 -20.35
CA SER A 41 -10.02 0.87 -19.14
C SER A 41 -9.95 2.04 -18.18
N SER A 42 -10.52 3.19 -18.55
CA SER A 42 -10.32 4.40 -17.72
C SER A 42 -10.84 4.26 -16.29
N SER A 43 -11.97 3.59 -16.11
CA SER A 43 -12.49 3.42 -14.76
C SER A 43 -11.62 2.48 -13.93
N VAL A 44 -11.20 1.35 -14.52
CA VAL A 44 -10.27 0.44 -13.82
C VAL A 44 -8.99 1.14 -13.42
N LYS A 45 -8.43 1.93 -14.32
CA LYS A 45 -7.17 2.62 -14.04
C LYS A 45 -7.32 3.54 -12.83
N PHE A 46 -8.47 4.21 -12.75
CA PHE A 46 -8.74 5.13 -11.64
C PHE A 46 -8.87 4.35 -10.34
N LEU A 47 -9.63 3.26 -10.38
CA LEU A 47 -9.91 2.49 -9.17
C LEU A 47 -8.68 1.83 -8.57
N ARG A 48 -7.69 1.56 -9.39
CA ARG A 48 -6.57 0.75 -8.94
C ARG A 48 -5.87 1.32 -7.70
N GLU A 49 -5.64 2.62 -7.68
CA GLU A 49 -5.16 3.22 -6.46
C GLU A 49 -6.26 3.91 -5.67
N GLU A 50 -7.26 4.46 -6.35
CA GLU A 50 -8.23 5.30 -5.63
C GLU A 50 -9.14 4.53 -4.68
N LEU A 51 -9.56 3.32 -5.05
CA LEU A 51 -10.41 2.56 -4.13
C LEU A 51 -9.58 2.08 -2.93
N TYR A 52 -8.37 1.64 -3.16
CA TYR A 52 -7.48 1.23 -2.08
C TYR A 52 -7.29 2.39 -1.13
N LYS A 53 -6.90 3.53 -1.67
CA LYS A 53 -6.62 4.67 -0.79
C LYS A 53 -7.81 5.00 0.10
N GLU A 54 -9.01 4.95 -0.48
CA GLU A 54 -10.21 5.38 0.22
C GLU A 54 -10.62 4.35 1.25
N CYS A 55 -10.51 3.07 0.91
CA CYS A 55 -10.87 2.00 1.84
C CYS A 55 -9.92 1.95 3.04
N VAL A 56 -8.62 2.04 2.78
CA VAL A 56 -7.64 2.04 3.87
C VAL A 56 -7.81 3.28 4.73
N GLY A 57 -7.98 4.42 4.12
CA GLY A 57 -8.30 5.59 4.88
C GLY A 57 -9.50 5.45 5.77
N ALA A 58 -10.56 4.91 5.23
CA ALA A 58 -11.80 4.83 5.95
C ALA A 58 -11.67 3.92 7.17
N LEU A 59 -10.91 2.87 7.05
CA LEU A 59 -10.92 1.84 8.07
C LEU A 59 -9.96 2.20 9.19
N GLN A 60 -9.30 3.32 9.03
CA GLN A 60 -8.38 3.83 10.03
C GLN A 60 -8.84 5.16 10.60
N ALA A 61 -9.98 5.66 10.13
CA ALA A 61 -10.51 6.92 10.60
C ALA A 61 -11.19 6.78 11.94
N GLY A 62 -10.86 7.72 12.82
CA GLY A 62 -11.53 7.87 14.09
C GLY A 62 -11.49 6.59 14.91
N SER A 63 -12.64 6.18 15.38
CA SER A 63 -12.70 5.03 16.26
C SER A 63 -12.27 3.76 15.55
N LEU A 64 -12.36 3.74 14.22
CA LEU A 64 -12.31 2.49 13.47
C LEU A 64 -10.93 2.05 13.62
N LEU A 65 -10.14 2.98 14.11
CA LEU A 65 -8.76 2.71 14.29
C LEU A 65 -8.59 1.62 15.30
N ASN A 66 -9.54 1.49 16.22
CA ASN A 66 -9.40 0.46 17.23
C ASN A 66 -10.34 -0.72 16.97
N GLY A 67 -10.73 -0.97 15.73
CA GLY A 67 -11.60 -2.07 15.44
C GLY A 67 -12.90 -1.57 14.88
N GLY A 68 -13.92 -1.65 15.69
CA GLY A 68 -15.19 -1.11 15.34
C GLY A 68 -16.22 -2.20 15.15
N ASP A 69 -17.44 -1.81 15.37
CA ASP A 69 -18.54 -2.68 15.18
C ASP A 69 -18.71 -2.93 13.68
N PHE A 70 -19.36 -4.04 13.35
CA PHE A 70 -19.63 -4.33 11.97
C PHE A 70 -20.43 -3.23 11.27
N ALA A 71 -21.44 -2.69 11.95
CA ALA A 71 -22.24 -1.64 11.33
C ALA A 71 -21.37 -0.47 10.88
N ALA A 72 -20.39 -0.13 11.71
CA ALA A 72 -19.52 1.02 11.44
C ALA A 72 -18.55 0.72 10.31
N ILE A 73 -18.09 -0.52 10.26
CA ILE A 73 -17.19 -0.93 9.20
C ILE A 73 -17.94 -0.99 7.87
N LYS A 74 -19.14 -1.54 7.91
CA LYS A 74 -20.02 -1.61 6.73
C LYS A 74 -20.32 -0.22 6.19
N GLU A 75 -20.71 0.69 7.09
CA GLU A 75 -20.99 2.07 6.68
C GLU A 75 -19.75 2.72 6.05
N ALA A 76 -18.59 2.48 6.64
CA ALA A 76 -17.34 3.07 6.14
C ALA A 76 -17.00 2.55 4.76
N LEU A 77 -17.17 1.26 4.55
CA LEU A 77 -16.88 0.66 3.23
C LEU A 77 -17.88 1.14 2.18
N ILE A 78 -19.15 1.20 2.54
CA ILE A 78 -20.16 1.71 1.61
C ILE A 78 -19.86 3.15 1.22
N LYS A 79 -19.61 4.01 2.21
CA LYS A 79 -19.29 5.41 1.94
C LYS A 79 -18.02 5.55 1.10
N ALA A 80 -17.05 4.67 1.32
CA ALA A 80 -15.81 4.69 0.55
C ALA A 80 -16.07 4.37 -0.92
N PHE A 81 -16.81 3.30 -1.19
CA PHE A 81 -17.22 3.00 -2.57
C PHE A 81 -17.97 4.16 -3.20
N GLU A 82 -18.94 4.72 -2.46
CA GLU A 82 -19.78 5.76 -3.03
C GLU A 82 -18.97 7.02 -3.28
N SER A 83 -18.05 7.32 -2.38
CA SER A 83 -17.16 8.48 -2.55
C SER A 83 -16.25 8.32 -3.75
N VAL A 84 -15.65 7.14 -3.88
CA VAL A 84 -14.78 6.87 -5.01
C VAL A 84 -15.54 6.99 -6.33
N ASP A 85 -16.77 6.47 -6.38
CA ASP A 85 -17.55 6.59 -7.60
C ASP A 85 -17.84 8.04 -7.96
N ARG A 86 -18.20 8.86 -6.98
CA ARG A 86 -18.46 10.28 -7.23
C ARG A 86 -17.23 10.93 -7.80
N ASN A 87 -16.08 10.61 -7.24
CA ASN A 87 -14.85 11.18 -7.76
C ASN A 87 -14.49 10.65 -9.14
N LEU A 88 -14.80 9.39 -9.40
CA LEU A 88 -14.59 8.80 -10.71
C LEU A 88 -15.47 9.49 -11.75
N LEU A 89 -16.73 9.71 -11.41
CA LEU A 89 -17.61 10.39 -12.36
C LEU A 89 -17.10 11.79 -12.72
N LYS A 90 -16.64 12.54 -11.72
CA LYS A 90 -16.07 13.87 -11.96
C LYS A 90 -14.85 13.76 -12.85
N TRP A 91 -14.23 12.67 -12.66
CA TRP A 91 -12.97 12.56 -13.36
C TRP A 91 -13.17 12.35 -14.86
N LEU A 92 -14.09 11.30 -15.06
CA LEU A 92 -14.45 10.91 -16.43
C LEU A 92 -14.89 12.12 -17.23
N GLU A 93 -15.59 13.02 -16.58
CA GLU A 93 -16.04 14.25 -17.26
C GLU A 93 -14.94 15.27 -17.53
N ALA A 94 -13.98 15.35 -16.62
CA ALA A 94 -12.93 16.36 -16.73
C ALA A 94 -11.78 15.92 -17.63
N ASN A 95 -11.76 14.66 -17.99
CA ASN A 95 -10.64 14.14 -18.72
C ASN A 95 -11.06 13.46 -19.98
N GLY A 96 -10.45 13.84 -21.07
CA GLY A 96 -10.32 12.96 -22.21
C GLY A 96 -11.58 12.38 -22.83
N ASP A 97 -12.66 13.12 -22.99
CA ASP A 97 -13.93 12.59 -22.54
C ASP A 97 -14.81 11.56 -23.19
N GLU A 98 -15.05 11.69 -24.48
CA GLU A 98 -16.34 11.30 -24.97
C GLU A 98 -15.82 10.64 -26.21
N GLU A 99 -16.42 9.50 -26.48
CA GLU A 99 -17.33 8.92 -25.53
C GLU A 99 -16.62 8.05 -24.50
N ASP A 100 -16.34 8.56 -23.31
CA ASP A 100 -15.91 7.64 -22.27
C ASP A 100 -17.08 7.03 -21.53
N GLU A 101 -17.54 5.90 -22.03
CA GLU A 101 -18.64 5.22 -21.41
C GLU A 101 -18.09 4.11 -20.54
N SER A 102 -16.86 4.24 -20.07
CA SER A 102 -16.29 3.13 -19.31
C SER A 102 -16.92 2.95 -17.92
N GLY A 103 -16.76 1.74 -17.39
CA GLY A 103 -17.13 1.44 -16.02
C GLY A 103 -16.35 0.24 -15.55
N SER A 104 -16.62 -0.21 -14.33
CA SER A 104 -15.95 -1.39 -13.82
C SER A 104 -16.73 -1.99 -12.69
N THR A 105 -16.78 -3.32 -12.62
CA THR A 105 -17.24 -3.97 -11.40
C THR A 105 -16.07 -4.01 -10.41
N ALA A 106 -16.36 -4.35 -9.15
CA ALA A 106 -15.29 -4.44 -8.17
C ALA A 106 -15.64 -5.46 -7.11
N THR A 107 -14.73 -6.39 -6.84
CA THR A 107 -14.92 -7.25 -5.67
C THR A 107 -13.65 -7.11 -4.83
N VAL A 108 -13.83 -6.71 -3.59
CA VAL A 108 -12.70 -6.39 -2.72
C VAL A 108 -12.72 -7.26 -1.48
N MET A 109 -11.59 -7.80 -1.09
CA MET A 109 -11.49 -8.47 0.20
C MET A 109 -10.50 -7.71 1.07
N ILE A 110 -10.93 -7.40 2.29
CA ILE A 110 -10.03 -6.82 3.26
C ILE A 110 -9.87 -7.79 4.41
N ILE A 111 -8.65 -8.08 4.77
CA ILE A 111 -8.41 -8.90 5.91
C ILE A 111 -7.83 -8.00 7.00
N ARG A 112 -8.48 -7.95 8.15
CA ARG A 112 -7.97 -7.24 9.31
C ARG A 112 -7.76 -8.29 10.40
N ASN A 113 -6.53 -8.76 10.53
CA ASN A 113 -6.28 -9.85 11.46
C ASN A 113 -7.18 -11.03 11.09
N ASP A 114 -7.92 -11.50 12.08
CA ASP A 114 -8.61 -12.77 11.99
C ASP A 114 -10.00 -12.65 11.36
N VAL A 115 -10.32 -11.55 10.74
CA VAL A 115 -11.60 -11.37 10.12
C VAL A 115 -11.43 -10.85 8.67
N SER A 116 -12.25 -11.35 7.76
CA SER A 116 -12.26 -10.85 6.40
C SER A 116 -13.57 -10.09 6.14
N PHE A 117 -13.49 -9.07 5.29
CA PHE A 117 -14.67 -8.36 4.80
C PHE A 117 -14.65 -8.42 3.30
N ILE A 118 -15.79 -8.75 2.70
CA ILE A 118 -15.91 -8.72 1.25
C ILE A 118 -16.81 -7.52 0.94
N ALA A 119 -16.38 -6.68 0.01
CA ALA A 119 -17.20 -5.54 -0.43
C ALA A 119 -17.32 -5.68 -1.93
N HIS A 120 -18.54 -5.75 -2.43
CA HIS A 120 -18.77 -6.21 -3.79
C HIS A 120 -19.81 -5.42 -4.57
N ILE A 121 -19.51 -5.00 -5.80
CA ILE A 121 -20.54 -4.62 -6.78
C ILE A 121 -20.24 -5.31 -8.09
N GLY A 122 -21.27 -5.91 -8.67
CA GLY A 122 -21.19 -6.46 -10.01
C GLY A 122 -21.22 -7.96 -10.07
N ASP A 123 -20.48 -8.52 -11.02
CA ASP A 123 -20.64 -9.93 -11.31
C ASP A 123 -19.35 -10.70 -11.30
N SER A 124 -18.35 -10.26 -10.66
CA SER A 124 -17.27 -11.08 -10.21
C SER A 124 -17.90 -11.87 -9.04
N CYS A 125 -17.18 -12.73 -8.49
CA CYS A 125 -17.72 -13.52 -7.42
CA CYS A 125 -17.76 -13.70 -7.37
C CYS A 125 -16.60 -13.90 -6.47
N ALA A 126 -16.87 -14.02 -5.19
CA ALA A 126 -15.91 -14.51 -4.20
C ALA A 126 -16.54 -15.72 -3.52
N VAL A 127 -15.74 -16.75 -3.28
CA VAL A 127 -16.17 -17.95 -2.57
C VAL A 127 -15.08 -18.38 -1.62
N LEU A 128 -15.40 -19.30 -0.71
CA LEU A 128 -14.38 -19.89 0.13
C LEU A 128 -14.57 -21.38 0.24
N SER A 129 -13.54 -22.08 0.72
CA SER A 129 -13.68 -23.49 1.05
C SER A 129 -13.57 -23.62 2.55
N ARG A 130 -14.57 -24.25 3.15
CA ARG A 130 -14.53 -24.55 4.58
C ARG A 130 -14.54 -26.06 4.72
N SER A 131 -13.42 -26.63 5.13
CA SER A 131 -13.29 -28.07 5.32
C SER A 131 -13.75 -28.82 4.06
N GLY A 132 -13.38 -28.34 2.92
CA GLY A 132 -13.73 -28.96 1.67
C GLY A 132 -15.04 -28.59 1.07
N GLN A 133 -15.83 -27.78 1.73
CA GLN A 133 -17.11 -27.40 1.15
C GLN A 133 -17.13 -25.95 0.73
N ILE A 134 -17.76 -25.69 -0.40
CA ILE A 134 -17.89 -24.34 -0.89
C ILE A 134 -18.91 -23.50 -0.13
N GLU A 135 -18.52 -22.26 0.16
CA GLU A 135 -19.47 -21.25 0.63
C GLU A 135 -19.36 -20.07 -0.32
N GLU A 136 -20.48 -19.71 -0.96
CA GLU A 136 -20.47 -18.53 -1.83
C GLU A 136 -20.62 -17.26 -0.98
N LEU A 137 -19.86 -16.23 -1.29
CA LEU A 137 -19.82 -15.06 -0.45
C LEU A 137 -20.50 -13.85 -0.99
N THR A 138 -20.74 -13.83 -2.27
CA THR A 138 -21.30 -12.67 -2.97
C THR A 138 -22.49 -13.08 -3.85
N ASP A 139 -23.38 -12.13 -4.12
CA ASP A 139 -24.49 -12.28 -5.06
C ASP A 139 -24.17 -11.53 -6.35
N TYR A 140 -24.60 -12.07 -7.49
CA TYR A 140 -24.47 -11.33 -8.74
C TYR A 140 -25.41 -10.14 -8.76
N HIS A 141 -24.90 -8.98 -9.17
CA HIS A 141 -25.75 -7.83 -9.41
C HIS A 141 -26.07 -7.75 -10.88
N ARG A 142 -27.09 -8.49 -11.27
CA ARG A 142 -27.54 -8.59 -12.63
C ARG A 142 -29.03 -8.29 -12.70
N PRO A 143 -29.46 -7.57 -13.73
CA PRO A 143 -30.86 -7.20 -13.89
C PRO A 143 -31.61 -8.35 -14.58
N TYR A 144 -31.19 -9.57 -14.25
CA TYR A 144 -31.82 -10.80 -14.75
C TYR A 144 -31.53 -11.98 -13.84
N GLY A 145 -32.25 -13.07 -14.05
CA GLY A 145 -32.06 -14.25 -13.22
C GLY A 145 -33.25 -14.53 -12.32
N SER A 146 -33.15 -15.61 -11.55
CA SER A 146 -34.26 -16.02 -10.69
C SER A 146 -33.94 -15.86 -9.20
N SER A 147 -32.70 -15.51 -8.87
CA SER A 147 -32.29 -15.39 -7.48
C SER A 147 -33.02 -14.26 -6.78
N ARG A 148 -32.97 -14.26 -5.47
CA ARG A 148 -33.53 -13.20 -4.70
C ARG A 148 -32.83 -11.90 -4.98
N ALA A 149 -31.52 -11.96 -5.10
CA ALA A 149 -30.72 -10.78 -5.40
C ALA A 149 -31.08 -10.20 -6.76
N ALA A 150 -31.28 -11.09 -7.74
CA ALA A 150 -31.69 -10.67 -9.07
C ALA A 150 -33.02 -9.92 -9.05
N ILE A 151 -34.00 -10.49 -8.34
CA ILE A 151 -35.31 -9.86 -8.22
C ILE A 151 -35.18 -8.46 -7.63
N GLN A 152 -34.34 -8.33 -6.62
CA GLN A 152 -34.13 -7.06 -5.96
C GLN A 152 -33.50 -6.03 -6.91
N GLU A 153 -32.50 -6.43 -7.66
CA GLU A 153 -31.86 -5.54 -8.62
C GLU A 153 -32.84 -5.06 -9.68
N VAL A 154 -33.64 -5.99 -10.19
CA VAL A 154 -34.62 -5.63 -11.20
C VAL A 154 -35.64 -4.62 -10.65
N LYS A 155 -36.10 -4.85 -9.45
CA LYS A 155 -37.00 -3.95 -8.80
C LYS A 155 -36.44 -2.57 -8.59
N ARG A 156 -35.17 -2.48 -8.20
CA ARG A 156 -34.53 -1.17 -8.01
C ARG A 156 -34.35 -0.44 -9.35
N VAL A 157 -33.94 -1.18 -10.37
CA VAL A 157 -33.70 -0.59 -11.68
C VAL A 157 -34.99 -0.02 -12.26
N LYS A 158 -36.08 -0.75 -12.08
CA LYS A 158 -37.39 -0.27 -12.55
C LYS A 158 -37.90 0.91 -11.74
N GLU A 159 -37.73 0.91 -10.42
CA GLU A 159 -38.14 2.02 -9.61
C GLU A 159 -37.43 3.31 -10.02
N ALA A 160 -36.17 3.20 -10.42
CA ALA A 160 -35.40 4.35 -10.90
C ALA A 160 -35.88 4.79 -12.28
N GLY A 161 -36.72 3.99 -12.91
CA GLY A 161 -37.30 4.36 -14.19
C GLY A 161 -36.69 3.63 -15.37
N GLY A 162 -35.73 2.76 -15.09
CA GLY A 162 -35.10 1.99 -16.15
C GLY A 162 -35.99 0.86 -16.66
N TRP A 163 -35.61 0.29 -17.77
CA TRP A 163 -36.38 -0.85 -18.33
C TRP A 163 -35.36 -1.93 -18.67
N ILE A 164 -35.75 -3.17 -18.91
CA ILE A 164 -34.71 -4.17 -19.19
C ILE A 164 -35.08 -5.04 -20.36
N VAL A 165 -34.18 -5.20 -21.31
CA VAL A 165 -34.40 -6.09 -22.43
C VAL A 165 -33.30 -7.08 -22.67
N ASN A 166 -33.63 -8.35 -22.52
CA ASN A 166 -32.68 -9.39 -22.71
C ASN A 166 -31.46 -9.32 -21.76
N GLY A 167 -31.75 -9.06 -20.52
CA GLY A 167 -30.74 -9.03 -19.49
C GLY A 167 -29.94 -7.77 -19.45
N ARG A 168 -30.38 -6.77 -20.19
CA ARG A 168 -29.61 -5.54 -20.25
C ARG A 168 -30.38 -4.24 -20.03
N ILE A 169 -29.96 -3.45 -19.05
CA ILE A 169 -30.61 -2.17 -18.75
C ILE A 169 -30.53 -1.29 -19.99
N CYS A 170 -31.70 -0.87 -20.46
CA CYS A 170 -31.85 -0.10 -21.70
C CYS A 170 -31.21 -0.80 -22.91
N GLY A 171 -31.09 -2.13 -22.83
CA GLY A 171 -30.48 -2.91 -23.88
C GLY A 171 -29.00 -2.66 -24.00
N ASP A 172 -28.40 -2.15 -22.92
CA ASP A 172 -27.03 -1.70 -22.96
C ASP A 172 -26.12 -2.41 -21.93
N ILE A 173 -26.40 -2.24 -20.65
CA ILE A 173 -25.48 -2.74 -19.63
C ILE A 173 -26.05 -3.97 -18.91
N ALA A 174 -25.19 -4.97 -18.71
CA ALA A 174 -25.64 -6.26 -18.20
C ALA A 174 -25.33 -6.48 -16.72
N VAL A 175 -24.84 -5.45 -16.06
CA VAL A 175 -24.70 -5.47 -14.60
C VAL A 175 -25.43 -4.28 -14.04
N SER A 176 -25.95 -4.44 -12.83
CA SER A 176 -26.79 -3.42 -12.23
C SER A 176 -26.07 -2.57 -11.20
N ARG A 177 -24.87 -3.01 -10.81
CA ARG A 177 -24.04 -2.22 -9.91
C ARG A 177 -22.63 -2.20 -10.45
N ALA A 178 -22.04 -1.02 -10.47
CA ALA A 178 -20.73 -0.81 -11.04
C ALA A 178 -20.24 0.60 -10.77
N PHE A 179 -18.93 0.76 -10.83
CA PHE A 179 -18.29 2.08 -10.84
C PHE A 179 -18.34 2.64 -12.26
N GLY A 180 -18.42 3.96 -12.37
CA GLY A 180 -18.37 4.60 -13.67
C GLY A 180 -19.74 4.58 -14.32
N ASP A 181 -19.81 4.29 -15.62
CA ASP A 181 -21.11 4.19 -16.33
C ASP A 181 -21.96 5.45 -16.09
N ILE A 182 -21.36 6.59 -16.36
CA ILE A 182 -21.97 7.87 -16.11
C ILE A 182 -23.33 8.05 -16.79
N ARG A 183 -23.51 7.39 -17.93
CA ARG A 183 -24.74 7.52 -18.70
C ARG A 183 -25.94 6.88 -18.00
N PHE A 184 -25.68 6.06 -16.98
CA PHE A 184 -26.76 5.46 -16.20
C PHE A 184 -26.94 6.15 -14.85
N LYS A 185 -26.19 7.23 -14.66
CA LYS A 185 -26.16 7.93 -13.40
C LYS A 185 -26.41 9.40 -13.70
N THR A 186 -25.37 10.21 -13.70
CA THR A 186 -25.54 11.64 -13.79
C THR A 186 -25.88 12.16 -15.19
N LYS A 187 -25.64 11.35 -16.21
CA LYS A 187 -25.90 11.73 -17.58
C LYS A 187 -27.01 10.93 -18.26
N LYS A 188 -27.96 10.45 -17.50
CA LYS A 188 -28.98 9.57 -18.07
C LYS A 188 -30.00 10.24 -18.99
N ASN A 189 -30.35 11.49 -18.71
CA ASN A 189 -31.23 12.21 -19.63
C ASN A 189 -30.53 12.47 -20.95
N ASP A 190 -29.23 12.72 -20.89
CA ASP A 190 -28.44 12.87 -22.11
C ASP A 190 -28.33 11.56 -22.86
N MET A 191 -28.34 10.50 -22.19
CA MET A 191 -28.40 9.17 -22.80
C MET A 191 -29.68 8.99 -23.61
N LEU A 192 -30.76 9.41 -23.06
CA LEU A 192 -32.00 9.26 -23.75
C LEU A 192 -31.95 10.05 -25.04
N LYS A 193 -31.52 11.29 -24.96
CA LYS A 193 -31.50 12.18 -26.15
C LYS A 193 -30.64 11.63 -27.27
N LYS A 194 -29.54 11.04 -26.83
CA LYS A 194 -28.53 10.41 -27.68
C LYS A 194 -29.08 9.19 -28.40
N GLY A 195 -29.82 8.46 -27.66
CA GLY A 195 -30.50 7.33 -28.26
C GLY A 195 -31.49 7.76 -29.34
N VAL A 196 -32.16 8.89 -29.11
CA VAL A 196 -33.10 9.41 -30.10
C VAL A 196 -32.36 9.83 -31.36
N ASP A 197 -31.25 10.55 -31.19
CA ASP A 197 -30.46 11.04 -32.32
C ASP A 197 -29.85 9.90 -33.12
N GLU A 198 -29.49 8.82 -32.44
CA GLU A 198 -28.81 7.68 -33.07
C GLU A 198 -29.76 6.62 -33.62
N GLY A 199 -31.06 6.81 -33.42
CA GLY A 199 -32.04 5.89 -33.98
C GLY A 199 -32.37 4.69 -33.11
N ARG A 200 -31.93 4.71 -31.86
CA ARG A 200 -32.12 3.56 -30.97
C ARG A 200 -33.56 3.44 -30.47
N TRP A 201 -34.20 4.58 -30.27
CA TRP A 201 -35.58 4.61 -29.81
C TRP A 201 -36.26 5.92 -30.23
N SER A 202 -37.57 5.95 -30.18
CA SER A 202 -38.29 7.14 -30.61
C SER A 202 -38.35 8.23 -29.56
N GLU A 203 -38.60 9.42 -30.04
CA GLU A 203 -38.84 10.51 -29.16
C GLU A 203 -40.07 10.26 -28.34
N LYS A 204 -41.06 9.62 -28.89
CA LYS A 204 -42.22 9.30 -28.08
C LYS A 204 -41.90 8.34 -26.95
N PHE A 205 -41.17 7.31 -27.26
CA PHE A 205 -40.80 6.35 -26.23
C PHE A 205 -40.12 7.04 -25.04
N VAL A 206 -39.15 7.89 -25.34
CA VAL A 206 -38.38 8.53 -24.27
C VAL A 206 -39.16 9.60 -23.54
N SER A 207 -40.09 10.23 -24.21
CA SER A 207 -40.90 11.23 -23.54
C SER A 207 -41.69 10.71 -22.37
N ARG A 208 -42.00 9.43 -22.38
CA ARG A 208 -42.78 8.82 -21.34
C ARG A 208 -41.94 8.33 -20.18
N ILE A 209 -40.62 8.42 -20.29
CA ILE A 209 -39.72 7.99 -19.22
C ILE A 209 -39.54 9.00 -18.14
N GLU A 210 -39.61 8.56 -16.89
CA GLU A 210 -39.36 9.42 -15.75
C GLU A 210 -38.39 8.74 -14.75
N PHE A 211 -37.18 9.24 -14.71
CA PHE A 211 -36.12 8.73 -13.85
C PHE A 211 -36.19 9.31 -12.44
N LYS A 212 -36.18 8.44 -11.45
CA LYS A 212 -36.27 8.86 -10.06
C LYS A 212 -34.99 8.70 -9.29
N GLY A 213 -34.05 7.98 -9.84
CA GLY A 213 -32.76 7.75 -9.22
C GLY A 213 -31.82 7.12 -10.24
N ASP A 214 -30.61 6.80 -9.82
CA ASP A 214 -29.67 6.17 -10.75
C ASP A 214 -30.07 4.74 -11.03
N MET A 215 -29.89 4.30 -12.28
CA MET A 215 -30.20 2.93 -12.68
C MET A 215 -29.10 1.99 -12.23
N VAL A 216 -27.85 2.46 -12.33
CA VAL A 216 -26.71 1.68 -11.86
C VAL A 216 -26.19 2.40 -10.63
N VAL A 217 -25.88 1.66 -9.57
CA VAL A 217 -25.32 2.26 -8.37
C VAL A 217 -23.98 1.61 -8.01
N ALA A 218 -23.19 2.31 -7.19
CA ALA A 218 -21.89 1.79 -6.75
C ALA A 218 -21.95 1.33 -5.29
N THR A 219 -23.15 1.21 -4.75
CA THR A 219 -23.32 0.77 -3.35
C THR A 219 -23.00 -0.71 -3.21
N PRO A 220 -21.98 -1.06 -2.41
CA PRO A 220 -21.59 -2.47 -2.32
C PRO A 220 -22.38 -3.24 -1.29
N ASP A 221 -22.49 -4.54 -1.52
CA ASP A 221 -22.88 -5.47 -0.47
C ASP A 221 -21.64 -5.73 0.37
N ILE A 222 -21.82 -5.84 1.69
CA ILE A 222 -20.69 -6.07 2.61
C ILE A 222 -20.92 -7.35 3.40
N PHE A 223 -19.91 -8.20 3.44
CA PHE A 223 -20.03 -9.47 4.16
C PHE A 223 -18.82 -9.68 5.05
N GLN A 224 -19.06 -10.13 6.28
CA GLN A 224 -18.00 -10.41 7.24
C GLN A 224 -17.82 -11.91 7.41
N VAL A 225 -16.56 -12.38 7.33
CA VAL A 225 -16.26 -13.81 7.50
C VAL A 225 -15.09 -14.01 8.48
N PRO A 226 -15.36 -14.59 9.65
CA PRO A 226 -14.26 -14.91 10.58
C PRO A 226 -13.29 -15.90 9.95
N LEU A 227 -11.98 -15.64 10.08
CA LEU A 227 -10.99 -16.53 9.47
C LEU A 227 -10.57 -17.61 10.43
N THR A 228 -11.47 -18.55 10.65
CA THR A 228 -11.19 -19.66 11.55
C THR A 228 -10.38 -20.76 10.84
N SER A 229 -9.90 -21.74 11.60
CA SER A 229 -8.88 -22.64 11.06
C SER A 229 -9.45 -23.58 10.01
N ASP A 230 -10.77 -23.69 9.95
CA ASP A 230 -11.42 -24.54 8.96
C ASP A 230 -11.61 -23.84 7.62
N VAL A 231 -11.34 -22.54 7.59
CA VAL A 231 -11.40 -21.80 6.32
C VAL A 231 -10.08 -22.00 5.60
N GLU A 232 -10.11 -22.74 4.51
CA GLU A 232 -8.89 -23.22 3.85
C GLU A 232 -8.33 -22.22 2.83
N PHE A 233 -9.22 -21.63 2.05
CA PHE A 233 -8.83 -20.65 1.04
C PHE A 233 -10.04 -19.85 0.59
N ILE A 234 -9.75 -18.66 0.06
CA ILE A 234 -10.78 -17.77 -0.45
C ILE A 234 -10.38 -17.40 -1.89
N ILE A 235 -11.37 -17.42 -2.80
CA ILE A 235 -11.10 -17.12 -4.20
C ILE A 235 -11.95 -15.92 -4.61
N LEU A 236 -11.32 -14.94 -5.20
CA LEU A 236 -12.02 -13.87 -5.87
C LEU A 236 -11.70 -13.97 -7.34
N ALA A 237 -12.70 -13.84 -8.21
CA ALA A 237 -12.38 -13.94 -9.64
C ALA A 237 -13.37 -13.21 -10.48
N SER A 238 -12.94 -12.84 -11.69
CA SER A 238 -13.89 -12.20 -12.61
C SER A 238 -14.74 -13.29 -13.27
N ASP A 239 -15.82 -12.83 -13.88
CA ASP A 239 -16.75 -13.74 -14.55
C ASP A 239 -16.12 -14.52 -15.71
N GLY A 240 -14.90 -14.16 -16.14
CA GLY A 240 -14.25 -14.95 -17.18
C GLY A 240 -14.00 -16.36 -16.68
N LEU A 241 -13.93 -16.51 -15.36
CA LEU A 241 -13.88 -17.82 -14.74
C LEU A 241 -15.30 -18.36 -14.52
N TRP A 242 -16.09 -17.63 -13.73
CA TRP A 242 -17.37 -18.17 -13.27
C TRP A 242 -18.39 -18.48 -14.38
N ASP A 243 -18.29 -17.76 -15.48
CA ASP A 243 -19.23 -18.01 -16.59
C ASP A 243 -18.98 -19.36 -17.28
N TYR A 244 -17.83 -19.94 -17.03
CA TYR A 244 -17.39 -21.14 -17.73
C TYR A 244 -17.10 -22.34 -16.85
N MET A 245 -17.25 -22.16 -15.55
CA MET A 245 -17.00 -23.23 -14.64
C MET A 245 -17.94 -23.09 -13.45
N LYS A 246 -18.53 -24.20 -13.04
CA LYS A 246 -19.34 -24.22 -11.84
C LYS A 246 -18.53 -23.87 -10.60
N SER A 247 -19.11 -23.08 -9.70
CA SER A 247 -18.31 -22.66 -8.57
C SER A 247 -17.84 -23.81 -7.67
N SER A 248 -18.68 -24.83 -7.46
CA SER A 248 -18.24 -25.99 -6.70
C SER A 248 -17.08 -26.71 -7.38
N ASP A 249 -17.06 -26.70 -8.72
CA ASP A 249 -15.97 -27.32 -9.47
C ASP A 249 -14.68 -26.51 -9.33
N VAL A 250 -14.82 -25.19 -9.30
CA VAL A 250 -13.66 -24.32 -9.08
C VAL A 250 -13.01 -24.65 -7.74
N VAL A 251 -13.81 -24.74 -6.70
CA VAL A 251 -13.31 -25.01 -5.35
C VAL A 251 -12.65 -26.40 -5.25
N SER A 252 -13.32 -27.42 -5.79
CA SER A 252 -12.75 -28.76 -5.83
C SER A 252 -11.43 -28.78 -6.60
N TYR A 253 -11.38 -28.04 -7.70
CA TYR A 253 -10.19 -28.03 -8.53
C TYR A 253 -9.01 -27.45 -7.77
N VAL A 254 -9.24 -26.34 -7.09
CA VAL A 254 -8.18 -25.68 -6.32
C VAL A 254 -7.76 -26.54 -5.13
N ARG A 255 -8.72 -27.16 -4.46
CA ARG A 255 -8.43 -28.07 -3.36
C ARG A 255 -7.48 -29.18 -3.84
N ASP A 256 -7.80 -29.77 -4.99
CA ASP A 256 -7.02 -30.89 -5.55
C ASP A 256 -5.63 -30.41 -5.92
N GLN A 257 -5.54 -29.20 -6.51
CA GLN A 257 -4.26 -28.60 -6.81
C GLN A 257 -3.37 -28.44 -5.57
N LEU A 258 -3.93 -27.86 -4.51
CA LEU A 258 -3.17 -27.60 -3.29
C LEU A 258 -2.76 -28.89 -2.58
N ARG A 259 -3.64 -29.84 -2.59
CA ARG A 259 -3.35 -31.11 -1.96
C ARG A 259 -2.18 -31.77 -2.66
N LYS A 260 -2.15 -31.67 -3.97
CA LYS A 260 -1.15 -32.28 -4.77
C LYS A 260 0.22 -31.66 -4.62
N HIS A 261 0.34 -30.35 -4.68
CA HIS A 261 1.64 -29.68 -4.71
C HIS A 261 1.82 -28.48 -3.76
N GLY A 262 0.76 -28.08 -3.07
CA GLY A 262 0.84 -27.05 -2.05
C GLY A 262 1.16 -25.64 -2.54
N ASN A 263 1.10 -25.44 -3.85
CA ASN A 263 1.52 -24.19 -4.45
C ASN A 263 0.34 -23.39 -4.98
N VAL A 264 -0.07 -22.36 -4.23
CA VAL A 264 -1.25 -21.59 -4.61
C VAL A 264 -1.08 -20.83 -5.93
N GLN A 265 0.13 -20.36 -6.22
CA GLN A 265 0.34 -19.66 -7.48
C GLN A 265 0.11 -20.62 -8.66
N LEU A 266 0.66 -21.84 -8.56
CA LEU A 266 0.44 -22.85 -9.59
C LEU A 266 -1.04 -23.24 -9.70
N ALA A 267 -1.71 -23.39 -8.56
CA ALA A 267 -3.15 -23.69 -8.53
C ALA A 267 -3.91 -22.63 -9.32
N CYS A 268 -3.56 -21.37 -9.06
CA CYS A 268 -4.25 -20.26 -9.69
C CYS A 268 -4.05 -20.25 -11.20
N GLU A 269 -2.79 -20.37 -11.63
CA GLU A 269 -2.46 -20.46 -13.04
C GLU A 269 -3.18 -21.62 -13.75
N SER A 270 -3.19 -22.78 -13.11
CA SER A 270 -3.84 -23.95 -13.69
C SER A 270 -5.35 -23.76 -13.83
N LEU A 271 -5.96 -23.11 -12.85
CA LEU A 271 -7.36 -22.85 -12.88
C LEU A 271 -7.74 -21.91 -14.03
N ALA A 272 -6.92 -20.92 -14.22
CA ALA A 272 -7.18 -20.00 -15.33
C ALA A 272 -7.11 -20.76 -16.65
N GLN A 273 -6.15 -21.68 -16.75
CA GLN A 273 -6.05 -22.49 -17.96
C GLN A 273 -7.29 -23.36 -18.17
N VAL A 274 -7.89 -23.83 -17.08
CA VAL A 274 -9.08 -24.64 -17.21
C VAL A 274 -10.20 -23.78 -17.80
N ALA A 275 -10.30 -22.53 -17.35
CA ALA A 275 -11.32 -21.63 -17.89
C ALA A 275 -11.11 -21.45 -19.38
N LEU A 276 -9.85 -21.26 -19.81
CA LEU A 276 -9.55 -21.17 -21.23
C LEU A 276 -9.90 -22.49 -21.95
N ASP A 277 -9.59 -23.62 -21.32
CA ASP A 277 -9.92 -24.94 -21.87
C ASP A 277 -11.44 -25.13 -22.00
N ARG A 278 -12.21 -24.45 -21.19
CA ARG A 278 -13.65 -24.61 -21.20
C ARG A 278 -14.24 -23.58 -22.05
N ARG A 279 -13.43 -23.00 -22.93
CA ARG A 279 -13.92 -22.05 -23.93
C ARG A 279 -14.34 -20.69 -23.37
N SER A 280 -13.62 -20.22 -22.37
CA SER A 280 -13.91 -18.87 -21.90
C SER A 280 -13.39 -17.90 -22.95
N GLN A 281 -14.23 -16.93 -23.27
CA GLN A 281 -13.96 -15.91 -24.26
C GLN A 281 -13.68 -14.55 -23.67
N ASP A 282 -13.54 -14.49 -22.40
CA ASP A 282 -13.41 -13.21 -21.69
C ASP A 282 -12.04 -13.10 -21.04
N ASN A 283 -11.69 -11.89 -20.59
CA ASN A 283 -10.55 -11.75 -19.70
C ASN A 283 -10.81 -12.57 -18.44
N ILE A 284 -9.75 -13.17 -17.89
CA ILE A 284 -9.87 -14.00 -16.70
C ILE A 284 -8.91 -13.55 -15.62
N SER A 285 -9.44 -13.17 -14.46
CA SER A 285 -8.60 -12.77 -13.33
C SER A 285 -8.99 -13.54 -12.09
N ILE A 286 -8.00 -14.00 -11.33
CA ILE A 286 -8.25 -14.85 -10.19
C ILE A 286 -7.27 -14.48 -9.10
N ILE A 287 -7.77 -14.32 -7.88
CA ILE A 287 -6.89 -14.13 -6.70
C ILE A 287 -7.28 -15.22 -5.72
N ILE A 288 -6.28 -15.98 -5.25
CA ILE A 288 -6.56 -17.00 -4.24
C ILE A 288 -5.76 -16.70 -2.99
N ALA A 289 -6.46 -16.59 -1.87
CA ALA A 289 -5.81 -16.49 -0.56
C ALA A 289 -5.76 -17.89 0.03
N ASP A 290 -4.55 -18.46 0.13
CA ASP A 290 -4.32 -19.76 0.72
C ASP A 290 -4.01 -19.58 2.19
N LEU A 291 -4.92 -19.99 3.05
CA LEU A 291 -4.80 -19.73 4.47
C LEU A 291 -3.99 -20.80 5.20
N GLY A 292 -3.46 -21.76 4.45
CA GLY A 292 -2.41 -22.64 4.97
C GLY A 292 -2.79 -23.66 6.03
N ARG A 293 -3.88 -24.35 5.76
CA ARG A 293 -4.37 -25.41 6.62
C ARG A 293 -4.14 -26.81 6.09
N THR A 294 -4.37 -27.79 6.92
CA THR A 294 -4.19 -29.16 6.55
C THR A 294 -5.48 -29.68 5.94
N MET B 1 10.98 -15.08 1.29
CA MET B 1 11.51 -14.60 2.55
C MET B 1 10.44 -14.29 3.57
N ARG B 2 10.85 -14.17 4.81
CA ARG B 2 9.93 -13.96 5.91
C ARG B 2 10.38 -12.75 6.70
N TRP B 3 9.41 -12.03 7.28
CA TRP B 3 9.72 -10.85 8.08
C TRP B 3 9.62 -11.09 9.58
N GLY B 4 10.56 -10.50 10.31
CA GLY B 4 10.42 -10.38 11.75
C GLY B 4 10.53 -8.89 12.08
N TYR B 5 9.74 -8.41 13.03
CA TYR B 5 9.81 -6.98 13.35
C TYR B 5 9.41 -6.69 14.78
N THR B 6 10.00 -5.72 15.33
CA THR B 6 9.54 -5.28 16.63
CA THR B 6 9.57 -5.38 16.65
C THR B 6 9.83 -3.78 16.71
N SER B 7 9.09 -3.00 17.48
CA SER B 7 9.29 -1.57 17.59
C SER B 7 8.73 -1.22 18.95
N VAL B 8 9.61 -0.91 19.90
CA VAL B 8 9.22 -0.71 21.29
C VAL B 8 9.74 0.60 21.85
N GLN B 9 9.00 1.15 22.81
CA GLN B 9 9.35 2.43 23.43
C GLN B 9 10.58 2.31 24.32
N GLY B 10 10.72 1.18 25.00
CA GLY B 10 11.82 1.02 25.93
C GLY B 10 11.74 2.07 27.03
N PHE B 11 12.88 2.61 27.40
CA PHE B 11 12.95 3.44 28.58
C PHE B 11 12.64 4.92 28.38
N ARG B 12 12.39 5.32 27.17
CA ARG B 12 12.05 6.66 26.88
C ARG B 12 10.64 7.00 27.32
N ASP B 13 10.42 8.29 27.46
CA ASP B 13 9.15 8.81 27.87
C ASP B 13 8.15 8.99 26.74
N GLU B 14 8.59 8.84 25.50
CA GLU B 14 7.69 8.87 24.40
C GLU B 14 8.16 7.84 23.34
N MET B 15 7.24 7.45 22.48
CA MET B 15 7.61 6.55 21.40
C MET B 15 7.62 7.34 20.11
N GLU B 16 8.82 7.53 19.55
CA GLU B 16 8.98 8.30 18.34
C GLU B 16 9.60 7.49 17.20
N ASP B 17 9.86 6.20 17.43
CA ASP B 17 10.20 5.29 16.34
C ASP B 17 8.92 4.80 15.70
N ASP B 18 8.99 4.44 14.44
CA ASP B 18 7.92 3.64 13.84
C ASP B 18 8.50 2.75 12.74
N ILE B 19 7.76 1.72 12.39
CA ILE B 19 8.16 0.79 11.35
C ILE B 19 7.03 0.59 10.37
N VAL B 20 7.39 0.31 9.12
CA VAL B 20 6.40 0.04 8.07
C VAL B 20 6.89 -1.16 7.28
N ILE B 21 6.02 -2.12 7.05
CA ILE B 21 6.34 -3.22 6.15
C ILE B 21 5.11 -3.44 5.27
N ARG B 22 5.27 -3.20 3.99
CA ARG B 22 4.08 -3.19 3.12
C ARG B 22 4.36 -4.02 1.89
N SER B 23 3.61 -4.80 1.26
CA SER B 23 3.97 -5.59 0.11
C SER B 23 2.94 -5.40 -0.97
N ASP B 24 3.38 -5.54 -2.21
CA ASP B 24 2.49 -5.56 -3.37
C ASP B 24 2.72 -6.91 -4.02
N ALA B 25 1.77 -7.83 -3.87
CA ALA B 25 1.98 -9.17 -4.35
C ALA B 25 1.96 -9.21 -5.88
N VAL B 26 1.15 -8.38 -6.50
CA VAL B 26 1.01 -8.42 -7.95
C VAL B 26 2.28 -7.94 -8.62
N ASP B 27 2.89 -6.89 -8.06
CA ASP B 27 4.14 -6.35 -8.59
C ASP B 27 5.39 -6.93 -7.95
N SER B 28 5.19 -7.94 -7.10
CA SER B 28 6.30 -8.68 -6.47
C SER B 28 7.30 -7.78 -5.77
N PHE B 29 6.84 -6.83 -4.99
CA PHE B 29 7.81 -6.10 -4.23
C PHE B 29 7.35 -5.86 -2.82
N SER B 30 8.31 -5.55 -1.96
CA SER B 30 8.01 -5.17 -0.60
C SER B 30 8.76 -3.91 -0.27
N TYR B 31 8.24 -3.21 0.73
CA TYR B 31 8.81 -1.97 1.23
C TYR B 31 8.90 -2.12 2.73
N ALA B 32 10.09 -1.88 3.28
CA ALA B 32 10.27 -1.90 4.73
C ALA B 32 10.93 -0.62 5.14
N ALA B 33 10.47 -0.03 6.24
CA ALA B 33 11.09 1.23 6.65
C ALA B 33 11.17 1.33 8.16
N VAL B 34 12.30 1.88 8.63
CA VAL B 34 12.44 2.28 10.03
C VAL B 34 12.53 3.80 10.07
N PHE B 35 11.67 4.43 10.84
CA PHE B 35 11.69 5.89 11.04
C PHE B 35 12.06 6.17 12.49
N ASP B 36 13.06 6.99 12.71
CA ASP B 36 13.40 7.40 14.08
C ASP B 36 13.07 8.90 14.21
N GLY B 37 11.92 9.17 14.80
CA GLY B 37 11.50 10.55 14.97
C GLY B 37 12.22 11.23 16.12
N HIS B 38 12.24 12.56 16.05
CA HIS B 38 12.77 13.37 17.15
C HIS B 38 11.95 14.66 17.31
N ALA B 39 11.89 15.15 18.54
CA ALA B 39 11.19 16.39 18.86
C ALA B 39 9.72 16.35 18.45
N GLY B 40 9.09 15.21 18.67
CA GLY B 40 7.69 15.02 18.35
C GLY B 40 7.48 13.94 17.32
N SER B 41 6.22 13.58 17.08
CA SER B 41 5.89 12.48 16.19
C SER B 41 5.26 12.90 14.86
N SER B 42 5.03 14.20 14.66
CA SER B 42 4.33 14.66 13.48
C SER B 42 5.03 14.30 12.18
N SER B 43 6.36 14.36 12.17
CA SER B 43 7.11 13.99 10.96
C SER B 43 7.03 12.49 10.65
N VAL B 44 7.19 11.64 11.67
CA VAL B 44 7.03 10.21 11.48
C VAL B 44 5.63 9.85 10.97
N LYS B 45 4.63 10.47 11.56
CA LYS B 45 3.25 10.20 11.15
C LYS B 45 3.05 10.55 9.69
N PHE B 46 3.60 11.67 9.28
CA PHE B 46 3.53 12.07 7.89
C PHE B 46 4.22 11.03 7.00
N LEU B 47 5.43 10.62 7.38
CA LEU B 47 6.19 9.69 6.57
C LEU B 47 5.53 8.32 6.44
N ARG B 48 4.84 7.91 7.47
CA ARG B 48 4.37 6.56 7.57
C ARG B 48 3.49 6.26 6.43
N GLU B 49 2.63 7.15 6.06
CA GLU B 49 1.99 6.96 4.78
C GLU B 49 2.55 7.61 3.53
N GLU B 50 2.98 8.85 3.64
CA GLU B 50 3.36 9.55 2.46
C GLU B 50 4.58 8.98 1.80
N LEU B 51 5.54 8.50 2.56
CA LEU B 51 6.77 8.05 1.92
C LEU B 51 6.56 6.80 1.05
N TYR B 52 5.79 5.81 1.49
CA TYR B 52 5.50 4.63 0.65
C TYR B 52 4.86 5.00 -0.66
N LYS B 53 3.84 5.81 -0.58
CA LYS B 53 3.10 6.22 -1.73
C LYS B 53 3.95 6.87 -2.77
N GLU B 54 4.82 7.75 -2.32
CA GLU B 54 5.68 8.44 -3.23
C GLU B 54 6.77 7.58 -3.81
N CYS B 55 7.35 6.70 -3.03
CA CYS B 55 8.39 5.83 -3.53
C CYS B 55 7.85 4.85 -4.57
N VAL B 56 6.73 4.29 -4.26
CA VAL B 56 6.13 3.30 -5.14
C VAL B 56 5.61 3.96 -6.41
N GLY B 57 5.01 5.14 -6.26
CA GLY B 57 4.56 5.91 -7.40
C GLY B 57 5.70 6.18 -8.37
N ALA B 58 6.84 6.59 -7.80
CA ALA B 58 8.04 6.90 -8.58
C ALA B 58 8.62 5.67 -9.28
N LEU B 59 8.54 4.52 -8.63
CA LEU B 59 9.08 3.30 -9.22
C LEU B 59 8.14 2.64 -10.22
N GLN B 60 6.89 2.97 -10.09
CA GLN B 60 5.95 2.42 -11.01
C GLN B 60 5.85 3.28 -12.24
N ALA B 61 6.22 4.54 -12.15
CA ALA B 61 6.14 5.31 -13.35
C ALA B 61 7.31 4.90 -14.25
N GLY B 62 7.01 4.13 -15.29
CA GLY B 62 8.03 3.65 -16.20
C GLY B 62 8.49 2.23 -15.91
N SER B 63 7.87 1.61 -14.93
CA SER B 63 8.18 0.27 -14.52
C SER B 63 9.64 0.10 -14.20
N LEU B 64 10.16 0.99 -13.36
CA LEU B 64 11.60 1.06 -13.09
C LEU B 64 12.16 -0.17 -12.39
N LEU B 65 11.43 -0.72 -11.47
CA LEU B 65 11.89 -1.89 -10.81
C LEU B 65 12.11 -2.98 -11.83
N ASN B 66 11.22 -3.12 -12.80
CA ASN B 66 11.45 -4.14 -13.81
C ASN B 66 12.60 -3.96 -14.75
N GLY B 67 12.72 -2.77 -15.32
CA GLY B 67 13.81 -2.49 -16.22
C GLY B 67 14.99 -2.25 -15.32
N GLY B 68 16.09 -2.97 -15.50
CA GLY B 68 17.09 -3.05 -14.44
C GLY B 68 18.02 -1.88 -14.19
N ASP B 69 17.54 -0.66 -14.35
CA ASP B 69 18.42 0.48 -14.38
C ASP B 69 18.67 1.17 -13.02
N PHE B 70 19.78 0.89 -12.40
CA PHE B 70 20.07 1.47 -11.09
C PHE B 70 20.03 2.99 -11.09
N ALA B 71 20.67 3.63 -12.05
CA ALA B 71 20.70 5.08 -12.06
C ALA B 71 19.29 5.68 -12.08
N ALA B 72 18.39 5.06 -12.83
CA ALA B 72 17.01 5.51 -12.92
C ALA B 72 16.26 5.27 -11.61
N ILE B 73 16.50 4.12 -10.99
CA ILE B 73 15.89 3.81 -9.70
C ILE B 73 16.41 4.74 -8.60
N LYS B 74 17.71 4.94 -8.57
CA LYS B 74 18.31 5.91 -7.64
C LYS B 74 17.72 7.31 -7.83
N GLU B 75 17.62 7.76 -9.07
CA GLU B 75 17.05 9.08 -9.34
C GLU B 75 15.63 9.19 -8.78
N ALA B 76 14.84 8.14 -9.00
CA ALA B 76 13.44 8.14 -8.59
C ALA B 76 13.28 8.16 -7.08
N LEU B 77 14.10 7.36 -6.40
CA LEU B 77 14.05 7.29 -4.94
C LEU B 77 14.47 8.62 -4.29
N ILE B 78 15.54 9.22 -4.82
CA ILE B 78 15.98 10.51 -4.30
C ILE B 78 14.90 11.57 -4.52
N LYS B 79 14.35 11.61 -5.72
CA LYS B 79 13.27 12.55 -6.02
C LYS B 79 12.09 12.33 -5.08
N ALA B 80 11.78 11.06 -4.77
CA ALA B 80 10.65 10.78 -3.89
C ALA B 80 10.90 11.30 -2.48
N PHE B 81 12.10 11.05 -1.95
CA PHE B 81 12.46 11.58 -0.63
C PHE B 81 12.35 13.09 -0.61
N GLU B 82 12.90 13.74 -1.64
CA GLU B 82 12.93 15.19 -1.66
C GLU B 82 11.52 15.78 -1.78
N SER B 83 10.66 15.11 -2.56
CA SER B 83 9.28 15.57 -2.73
C SER B 83 8.52 15.45 -1.42
N VAL B 84 8.67 14.31 -0.75
CA VAL B 84 8.02 14.08 0.53
C VAL B 84 8.48 15.10 1.56
N ASP B 85 9.77 15.41 1.57
CA ASP B 85 10.24 16.39 2.55
C ASP B 85 9.63 17.76 2.26
N ARG B 86 9.55 18.14 0.99
CA ARG B 86 8.97 19.43 0.63
C ARG B 86 7.53 19.50 1.09
N ASN B 87 6.81 18.40 0.92
CA ASN B 87 5.41 18.39 1.33
C ASN B 87 5.26 18.34 2.84
N LEU B 88 6.19 17.66 3.50
CA LEU B 88 6.22 17.62 4.96
C LEU B 88 6.45 19.02 5.53
N LEU B 89 7.41 19.75 4.96
CA LEU B 89 7.70 21.10 5.44
C LEU B 89 6.49 22.02 5.24
N LYS B 90 5.78 21.84 4.13
CA LYS B 90 4.56 22.60 3.90
C LYS B 90 3.51 22.25 4.96
N TRP B 91 3.40 20.97 5.27
CA TRP B 91 2.45 20.49 6.27
C TRP B 91 2.82 21.08 7.62
N LEU B 92 4.10 21.03 7.95
CA LEU B 92 4.60 21.56 9.22
C LEU B 92 4.34 23.06 9.31
N GLU B 93 4.51 23.78 8.21
CA GLU B 93 4.26 25.22 8.21
C GLU B 93 2.79 25.57 8.42
N ALA B 94 1.90 24.74 7.87
CA ALA B 94 0.47 24.98 7.89
C ALA B 94 -0.22 24.43 9.14
N ASN B 95 0.45 23.51 9.81
CA ASN B 95 -0.01 22.93 11.05
C ASN B 95 0.97 23.12 12.23
N GLY B 96 1.71 24.24 12.24
CA GLY B 96 2.94 24.53 13.00
C GLY B 96 3.22 24.70 14.51
N ASP B 97 2.36 25.31 15.28
CA ASP B 97 2.45 25.14 16.71
C ASP B 97 3.79 25.56 17.21
N GLU B 98 4.43 26.48 16.52
CA GLU B 98 5.86 26.41 16.49
C GLU B 98 6.37 26.78 17.87
N GLU B 99 7.11 25.86 18.49
CA GLU B 99 7.82 24.83 17.76
C GLU B 99 7.01 23.60 17.64
N ASP B 100 6.51 23.29 16.46
CA ASP B 100 6.63 21.91 16.05
C ASP B 100 8.01 21.76 15.46
N GLU B 101 8.94 21.29 16.27
CA GLU B 101 10.26 21.18 15.75
C GLU B 101 10.55 19.75 15.33
N SER B 102 9.54 19.00 14.95
CA SER B 102 9.79 17.57 14.77
C SER B 102 10.62 17.28 13.52
N GLY B 103 11.21 16.09 13.51
CA GLY B 103 11.88 15.58 12.33
C GLY B 103 11.90 14.07 12.41
N SER B 104 12.48 13.42 11.40
CA SER B 104 12.65 11.98 11.47
C SER B 104 13.74 11.54 10.54
N THR B 105 14.53 10.56 10.95
CA THR B 105 15.42 9.90 10.00
C THR B 105 14.62 8.76 9.34
N ALA B 106 15.21 8.13 8.33
CA ALA B 106 14.50 7.09 7.59
C ALA B 106 15.47 6.14 6.92
N THR B 107 15.26 4.85 7.14
CA THR B 107 16.03 3.85 6.40
C THR B 107 14.99 2.97 5.73
N VAL B 108 15.00 2.95 4.41
CA VAL B 108 13.99 2.22 3.64
C VAL B 108 14.63 1.13 2.81
N MET B 109 13.99 -0.05 2.75
CA MET B 109 14.43 -1.09 1.83
C MET B 109 13.28 -1.48 0.92
N ILE B 110 13.55 -1.51 -0.37
CA ILE B 110 12.60 -2.05 -1.34
C ILE B 110 13.20 -3.31 -1.89
N ILE B 111 12.45 -4.41 -1.82
CA ILE B 111 12.92 -5.67 -2.39
C ILE B 111 12.04 -6.16 -3.54
N ARG B 112 12.64 -6.51 -4.67
CA ARG B 112 11.96 -7.13 -5.81
C ARG B 112 12.86 -8.15 -6.42
N ASN B 113 12.47 -9.39 -6.58
CA ASN B 113 12.73 -10.57 -5.84
C ASN B 113 14.20 -10.87 -5.68
N ASP B 114 14.98 -10.60 -6.68
CA ASP B 114 16.39 -10.88 -6.63
C ASP B 114 17.27 -9.71 -6.22
N VAL B 115 16.69 -8.55 -6.07
CA VAL B 115 17.49 -7.38 -5.73
C VAL B 115 16.82 -6.50 -4.69
N SER B 116 17.61 -5.88 -3.84
CA SER B 116 17.06 -4.93 -2.90
C SER B 116 17.73 -3.57 -3.10
N PHE B 117 17.00 -2.54 -2.75
CA PHE B 117 17.54 -1.18 -2.80
C PHE B 117 17.32 -0.55 -1.45
N ILE B 118 18.35 0.09 -0.93
CA ILE B 118 18.26 0.77 0.36
C ILE B 118 18.32 2.27 0.13
N ALA B 119 17.37 3.01 0.71
CA ALA B 119 17.40 4.47 0.65
C ALA B 119 17.50 4.96 2.07
N HIS B 120 18.51 5.77 2.35
CA HIS B 120 18.84 6.05 3.74
C HIS B 120 19.22 7.50 4.04
N ILE B 121 18.60 8.05 5.09
CA ILE B 121 19.14 9.25 5.72
C ILE B 121 19.15 9.10 7.23
N GLY B 122 20.24 9.52 7.86
CA GLY B 122 20.27 9.61 9.31
C GLY B 122 21.10 8.56 10.02
N ASP B 123 20.64 8.13 11.19
CA ASP B 123 21.48 7.30 12.03
C ASP B 123 20.91 5.95 12.41
N SER B 124 19.89 5.50 11.69
CA SER B 124 19.57 4.08 11.76
C SER B 124 20.65 3.39 10.90
N CYS B 125 20.64 2.08 10.87
CA CYS B 125 21.63 1.36 10.08
C CYS B 125 21.00 0.11 9.49
N ALA B 126 21.47 -0.27 8.29
CA ALA B 126 21.10 -1.53 7.66
C ALA B 126 22.35 -2.36 7.46
N VAL B 127 22.26 -3.65 7.77
CA VAL B 127 23.36 -4.57 7.53
C VAL B 127 22.82 -5.87 6.96
N LEU B 128 23.72 -6.69 6.43
CA LEU B 128 23.33 -8.03 6.00
C LEU B 128 24.34 -9.06 6.47
N SER B 129 23.95 -10.32 6.41
CA SER B 129 24.86 -11.43 6.61
C SER B 129 25.06 -12.13 5.28
N ARG B 130 26.32 -12.21 4.84
CA ARG B 130 26.66 -12.92 3.63
C ARG B 130 27.59 -14.06 3.98
N SER B 131 27.09 -15.28 3.84
CA SER B 131 27.86 -16.49 4.17
C SER B 131 28.47 -16.39 5.57
N GLY B 132 27.69 -15.90 6.53
CA GLY B 132 28.05 -15.82 7.93
C GLY B 132 28.70 -14.53 8.39
N GLN B 133 29.09 -13.74 7.41
CA GLN B 133 29.85 -12.52 7.64
C GLN B 133 29.03 -11.25 7.43
N ILE B 134 29.22 -10.29 8.37
CA ILE B 134 28.48 -9.05 8.29
C ILE B 134 28.98 -8.15 7.16
N GLU B 135 28.05 -7.48 6.48
CA GLU B 135 28.37 -6.35 5.62
C GLU B 135 27.47 -5.20 6.02
N GLU B 136 28.06 -4.06 6.38
CA GLU B 136 27.29 -2.88 6.71
C GLU B 136 26.92 -2.18 5.41
N LEU B 137 25.66 -1.81 5.26
CA LEU B 137 25.17 -1.29 4.03
C LEU B 137 25.03 0.21 3.95
N THR B 138 24.82 0.85 5.07
CA THR B 138 24.58 2.30 5.13
C THR B 138 25.66 3.03 5.89
N ASP B 139 25.77 4.33 5.66
CA ASP B 139 26.68 5.18 6.42
C ASP B 139 25.88 6.14 7.28
N TYR B 140 26.36 6.43 8.48
CA TYR B 140 25.72 7.42 9.33
C TYR B 140 25.86 8.83 8.77
N HIS B 141 24.80 9.63 8.88
CA HIS B 141 24.89 11.04 8.49
C HIS B 141 25.05 11.86 9.74
N ARG B 142 26.29 11.99 10.19
CA ARG B 142 26.61 12.68 11.43
C ARG B 142 27.60 13.79 11.13
N PRO B 143 27.45 14.95 11.79
CA PRO B 143 28.32 16.10 11.54
C PRO B 143 29.58 16.05 12.42
N TYR B 144 30.16 14.86 12.49
CA TYR B 144 31.34 14.61 13.32
C TYR B 144 31.84 13.22 13.01
N GLY B 145 33.04 12.91 13.46
CA GLY B 145 33.62 11.61 13.20
C GLY B 145 34.75 11.70 12.20
N SER B 146 35.37 10.57 11.92
CA SER B 146 36.59 10.54 11.12
C SER B 146 36.42 9.84 9.78
N SER B 147 35.27 9.23 9.56
CA SER B 147 35.00 8.51 8.31
C SER B 147 34.87 9.50 7.15
N ARG B 148 35.00 8.98 5.94
CA ARG B 148 34.84 9.75 4.72
C ARG B 148 33.46 10.40 4.67
N ALA B 149 32.44 9.62 5.02
CA ALA B 149 31.06 10.10 5.07
C ALA B 149 30.91 11.28 6.04
N ALA B 150 31.53 11.17 7.21
CA ALA B 150 31.47 12.23 8.22
C ALA B 150 32.12 13.52 7.72
N ILE B 151 33.29 13.39 7.11
CA ILE B 151 34.01 14.52 6.55
C ILE B 151 33.16 15.26 5.52
N GLN B 152 32.48 14.49 4.68
CA GLN B 152 31.62 15.07 3.65
C GLN B 152 30.40 15.79 4.23
N GLU B 153 29.82 15.24 5.30
CA GLU B 153 28.66 15.90 5.92
C GLU B 153 29.06 17.22 6.57
N VAL B 154 30.19 17.21 7.27
CA VAL B 154 30.71 18.41 7.90
C VAL B 154 30.98 19.46 6.82
N LYS B 155 31.61 19.03 5.73
CA LYS B 155 31.89 19.91 4.59
C LYS B 155 30.61 20.58 4.08
N ARG B 156 29.56 19.78 3.91
CA ARG B 156 28.30 20.29 3.39
C ARG B 156 27.65 21.26 4.38
N VAL B 157 27.64 20.91 5.66
CA VAL B 157 27.01 21.73 6.68
C VAL B 157 27.70 23.09 6.76
N LYS B 158 29.03 23.08 6.73
CA LYS B 158 29.80 24.32 6.77
C LYS B 158 29.62 25.18 5.51
N GLU B 159 29.51 24.53 4.35
CA GLU B 159 29.30 25.25 3.10
C GLU B 159 27.93 25.94 3.08
N ALA B 160 26.99 25.38 3.83
CA ALA B 160 25.64 25.95 3.93
C ALA B 160 25.62 27.15 4.87
N GLY B 161 26.74 27.38 5.56
CA GLY B 161 26.83 28.48 6.52
C GLY B 161 26.57 28.03 7.95
N GLY B 162 26.41 26.73 8.14
CA GLY B 162 26.22 26.19 9.47
C GLY B 162 27.53 26.12 10.22
N TRP B 163 27.42 25.92 11.54
CA TRP B 163 28.59 25.62 12.34
C TRP B 163 28.29 24.44 13.25
N ILE B 164 29.34 23.84 13.78
CA ILE B 164 29.19 22.64 14.59
C ILE B 164 29.98 22.81 15.89
N VAL B 165 29.33 22.52 17.00
CA VAL B 165 30.02 22.43 18.29
C VAL B 165 29.53 21.19 19.02
N ASN B 166 30.46 20.49 19.65
CA ASN B 166 30.20 19.22 20.32
C ASN B 166 29.40 18.21 19.49
N GLY B 167 29.68 18.16 18.18
CA GLY B 167 29.07 17.18 17.31
C GLY B 167 27.64 17.53 16.92
N ARG B 168 27.24 18.77 17.22
CA ARG B 168 25.89 19.21 16.93
C ARG B 168 25.88 20.46 16.08
N ILE B 169 25.06 20.44 15.03
CA ILE B 169 24.90 21.59 14.15
C ILE B 169 24.22 22.70 14.93
N CYS B 170 24.86 23.88 14.94
CA CYS B 170 24.41 25.02 15.74
C CYS B 170 24.27 24.65 17.22
N GLY B 171 25.03 23.65 17.65
CA GLY B 171 24.97 23.17 19.02
C GLY B 171 23.65 22.50 19.34
N ASP B 172 22.93 22.08 18.30
CA ASP B 172 21.56 21.60 18.43
C ASP B 172 21.41 20.15 17.96
N ILE B 173 21.48 19.93 16.66
CA ILE B 173 21.11 18.63 16.10
C ILE B 173 22.34 17.79 15.75
N ALA B 174 22.29 16.50 16.09
CA ALA B 174 23.46 15.62 15.93
C ALA B 174 23.32 14.67 14.76
N VAL B 175 22.32 14.90 13.91
CA VAL B 175 22.23 14.21 12.63
C VAL B 175 22.13 15.25 11.53
N SER B 176 22.82 15.02 10.42
CA SER B 176 22.89 16.01 9.36
C SER B 176 21.94 15.77 8.20
N ARG B 177 21.26 14.62 8.18
CA ARG B 177 20.22 14.36 7.19
C ARG B 177 19.00 13.82 7.89
N ALA B 178 17.84 14.37 7.52
CA ALA B 178 16.57 14.00 8.14
C ALA B 178 15.45 14.68 7.39
N PHE B 179 14.26 14.08 7.53
CA PHE B 179 13.01 14.69 7.16
C PHE B 179 12.57 15.68 8.23
N GLY B 180 11.89 16.75 7.82
CA GLY B 180 11.40 17.72 8.78
C GLY B 180 12.49 18.67 9.21
N ASP B 181 12.60 18.94 10.51
CA ASP B 181 13.64 19.85 11.01
C ASP B 181 13.63 21.19 10.24
N ILE B 182 12.45 21.79 10.15
CA ILE B 182 12.26 22.98 9.34
C ILE B 182 13.16 24.15 9.75
N ARG B 183 13.57 24.19 11.02
CA ARG B 183 14.40 25.28 11.50
C ARG B 183 15.83 25.20 10.94
N PHE B 184 16.17 24.10 10.30
CA PHE B 184 17.48 23.99 9.66
C PHE B 184 17.34 24.08 8.16
N LYS B 185 16.12 24.36 7.72
CA LYS B 185 15.82 24.39 6.29
C LYS B 185 15.16 25.73 5.96
N THR B 186 13.85 25.74 5.79
CA THR B 186 13.16 26.92 5.30
C THR B 186 13.01 28.00 6.37
N LYS B 187 13.16 27.62 7.63
CA LYS B 187 12.96 28.57 8.74
C LYS B 187 14.24 28.83 9.53
N LYS B 188 15.40 28.65 8.90
CA LYS B 188 16.68 28.85 9.58
C LYS B 188 16.98 30.28 10.04
N ASN B 189 16.52 31.28 9.29
CA ASN B 189 16.73 32.65 9.72
C ASN B 189 15.86 33.00 10.92
N ASP B 190 14.67 32.40 10.98
CA ASP B 190 13.80 32.59 12.14
C ASP B 190 14.42 31.92 13.35
N MET B 191 15.18 30.86 13.00
CA MET B 191 15.84 30.19 14.11
C MET B 191 16.85 31.13 14.77
N LEU B 192 17.61 31.72 14.01
CA LEU B 192 18.64 32.62 14.54
C LEU B 192 17.98 33.69 15.40
N LYS B 193 16.91 34.28 14.88
CA LYS B 193 16.26 35.40 15.56
C LYS B 193 15.64 34.96 16.88
N LYS B 194 15.10 33.75 16.88
CA LYS B 194 14.54 33.14 18.08
C LYS B 194 15.66 32.95 19.10
N GLY B 195 16.85 32.59 18.61
CA GLY B 195 17.99 32.38 19.46
C GLY B 195 18.41 33.66 20.17
N VAL B 196 18.28 34.79 19.48
CA VAL B 196 18.63 36.07 20.06
C VAL B 196 17.63 36.46 21.14
N ASP B 197 16.35 36.28 20.85
CA ASP B 197 15.30 36.58 21.80
C ASP B 197 15.38 35.66 23.03
N GLU B 198 15.87 34.45 22.82
CA GLU B 198 15.94 33.47 23.91
C GLU B 198 17.22 33.54 24.72
N GLY B 199 18.18 34.31 24.25
CA GLY B 199 19.47 34.37 24.88
C GLY B 199 20.45 33.26 24.61
N ARG B 200 20.22 32.49 23.56
CA ARG B 200 21.21 31.48 23.16
C ARG B 200 22.39 32.24 22.58
N TRP B 201 22.13 33.10 21.61
CA TRP B 201 23.22 33.87 21.06
C TRP B 201 23.04 35.37 21.25
N SER B 202 24.06 36.15 20.85
CA SER B 202 23.98 37.59 20.76
C SER B 202 23.46 38.08 19.42
N GLU B 203 22.93 39.30 19.38
CA GLU B 203 22.53 39.84 18.10
C GLU B 203 23.77 39.97 17.23
N LYS B 204 24.87 40.36 17.87
CA LYS B 204 26.14 40.48 17.19
C LYS B 204 26.55 39.14 16.56
N PHE B 205 26.36 38.06 17.31
CA PHE B 205 26.70 36.74 16.81
C PHE B 205 25.90 36.39 15.54
N VAL B 206 24.58 36.55 15.59
CA VAL B 206 23.74 36.12 14.47
C VAL B 206 23.86 37.05 13.27
N SER B 207 24.21 38.30 13.52
CA SER B 207 24.36 39.27 12.44
C SER B 207 25.51 38.89 11.50
N ARG B 208 26.40 38.02 11.99
CA ARG B 208 27.58 37.63 11.25
C ARG B 208 27.34 36.37 10.42
N ILE B 209 26.20 35.74 10.61
CA ILE B 209 25.85 34.50 9.91
C ILE B 209 25.27 34.71 8.50
N GLU B 210 25.79 33.99 7.54
CA GLU B 210 25.15 33.96 6.26
C GLU B 210 24.88 32.53 5.78
N PHE B 211 23.63 32.21 5.61
CA PHE B 211 23.25 30.89 5.13
C PHE B 211 23.20 30.83 3.60
N LYS B 212 23.68 29.72 3.04
CA LYS B 212 23.75 29.55 1.59
C LYS B 212 22.92 28.38 1.11
N GLY B 213 22.49 27.54 2.05
CA GLY B 213 21.66 26.39 1.73
C GLY B 213 21.12 25.80 3.00
N ASP B 214 20.32 24.75 2.87
CA ASP B 214 19.83 24.05 4.05
C ASP B 214 20.97 23.33 4.76
N MET B 215 20.99 23.39 6.09
CA MET B 215 22.02 22.71 6.84
C MET B 215 21.70 21.21 6.95
N VAL B 216 20.43 20.89 7.11
CA VAL B 216 19.99 19.49 7.14
C VAL B 216 19.28 19.24 5.82
N VAL B 217 19.53 18.10 5.19
CA VAL B 217 18.83 17.77 3.94
C VAL B 217 18.17 16.40 4.06
N ALA B 218 17.18 16.14 3.19
CA ALA B 218 16.50 14.84 3.18
C ALA B 218 16.96 13.94 2.04
N THR B 219 18.04 14.34 1.37
CA THR B 219 18.56 13.62 0.22
C THR B 219 19.18 12.32 0.66
N PRO B 220 18.64 11.18 0.21
CA PRO B 220 19.16 9.90 0.69
C PRO B 220 20.33 9.37 -0.11
N ASP B 221 21.13 8.55 0.57
CA ASP B 221 22.08 7.68 -0.12
C ASP B 221 21.29 6.47 -0.59
N ILE B 222 21.56 6.01 -1.81
CA ILE B 222 20.88 4.85 -2.36
C ILE B 222 21.92 3.75 -2.60
N PHE B 223 21.58 2.53 -2.18
CA PHE B 223 22.46 1.40 -2.34
C PHE B 223 21.73 0.26 -3.03
N GLN B 224 22.41 -0.40 -3.97
CA GLN B 224 21.85 -1.56 -4.61
C GLN B 224 22.47 -2.80 -3.99
N VAL B 225 21.62 -3.74 -3.59
CA VAL B 225 22.10 -4.98 -3.00
C VAL B 225 21.49 -6.19 -3.71
N PRO B 226 22.26 -6.80 -4.63
CA PRO B 226 21.77 -8.03 -5.27
C PRO B 226 21.57 -9.12 -4.23
N LEU B 227 20.45 -9.82 -4.33
CA LEU B 227 20.12 -10.86 -3.36
C LEU B 227 20.58 -12.22 -3.88
N THR B 228 21.90 -12.37 -3.99
CA THR B 228 22.51 -13.62 -4.40
C THR B 228 22.30 -14.67 -3.32
N SER B 229 22.50 -15.95 -3.68
CA SER B 229 22.17 -17.05 -2.79
C SER B 229 22.95 -17.03 -1.47
N ASP B 230 24.06 -16.31 -1.45
CA ASP B 230 24.86 -16.23 -0.23
C ASP B 230 24.38 -15.17 0.78
N VAL B 231 23.41 -14.34 0.38
CA VAL B 231 22.81 -13.38 1.30
C VAL B 231 21.73 -14.05 2.14
N GLU B 232 21.99 -14.12 3.44
CA GLU B 232 21.19 -14.92 4.36
C GLU B 232 20.06 -14.17 5.05
N PHE B 233 20.35 -12.95 5.50
CA PHE B 233 19.33 -12.08 6.07
C PHE B 233 19.78 -10.62 6.04
N ILE B 234 18.81 -9.70 6.13
CA ILE B 234 19.10 -8.27 6.18
C ILE B 234 18.41 -7.67 7.40
N ILE B 235 19.10 -6.79 8.12
CA ILE B 235 18.52 -6.18 9.30
C ILE B 235 18.51 -4.68 9.14
N LEU B 236 17.34 -4.06 9.32
CA LEU B 236 17.24 -2.61 9.45
C LEU B 236 16.90 -2.32 10.88
N ALA B 237 17.57 -1.38 11.52
CA ALA B 237 17.22 -1.06 12.89
C ALA B 237 17.56 0.38 13.26
N SER B 238 16.83 0.92 14.24
CA SER B 238 17.18 2.23 14.75
C SER B 238 18.38 2.15 15.68
N ASP B 239 18.91 3.32 15.99
CA ASP B 239 20.10 3.42 16.83
C ASP B 239 19.87 2.96 18.28
N GLY B 240 18.62 2.77 18.67
CA GLY B 240 18.33 2.16 19.96
C GLY B 240 18.94 0.78 20.08
N LEU B 241 19.13 0.10 18.94
CA LEU B 241 19.90 -1.16 18.91
C LEU B 241 21.39 -0.88 18.78
N TRP B 242 21.78 -0.23 17.68
CA TRP B 242 23.21 -0.12 17.34
C TRP B 242 24.07 0.66 18.35
N ASP B 243 23.48 1.63 19.06
CA ASP B 243 24.24 2.37 20.06
C ASP B 243 24.64 1.50 21.24
N TYR B 244 24.02 0.32 21.34
CA TYR B 244 24.19 -0.52 22.53
C TYR B 244 24.70 -1.94 22.26
N MET B 245 24.89 -2.27 20.98
CA MET B 245 25.36 -3.58 20.58
C MET B 245 26.20 -3.45 19.32
N LYS B 246 27.39 -4.06 19.32
CA LYS B 246 28.22 -4.10 18.14
C LYS B 246 27.49 -4.79 17.01
N SER B 247 27.64 -4.27 15.79
CA SER B 247 26.89 -4.79 14.67
C SER B 247 27.25 -6.24 14.34
N SER B 248 28.51 -6.60 14.49
CA SER B 248 28.93 -7.99 14.29
C SER B 248 28.24 -8.90 15.31
N ASP B 249 28.06 -8.40 16.53
CA ASP B 249 27.40 -9.15 17.59
C ASP B 249 25.91 -9.32 17.30
N VAL B 250 25.29 -8.29 16.73
CA VAL B 250 23.89 -8.35 16.34
C VAL B 250 23.71 -9.44 15.30
N VAL B 251 24.56 -9.45 14.29
CA VAL B 251 24.43 -10.42 13.20
C VAL B 251 24.65 -11.85 13.70
N SER B 252 25.67 -12.04 14.54
CA SER B 252 25.92 -13.36 15.13
C SER B 252 24.75 -13.82 15.99
N TYR B 253 24.15 -12.88 16.70
CA TYR B 253 23.03 -13.22 17.58
C TYR B 253 21.84 -13.72 16.77
N VAL B 254 21.51 -12.99 15.70
CA VAL B 254 20.38 -13.34 14.86
C VAL B 254 20.61 -14.68 14.16
N ARG B 255 21.85 -14.87 13.68
CA ARG B 255 22.24 -16.14 13.10
C ARG B 255 21.98 -17.29 14.08
N ASP B 256 22.37 -17.11 15.34
CA ASP B 256 22.23 -18.15 16.35
C ASP B 256 20.76 -18.44 16.63
N GLN B 257 19.97 -17.39 16.74
CA GLN B 257 18.54 -17.53 16.99
C GLN B 257 17.87 -18.36 15.90
N LEU B 258 18.17 -18.04 14.64
CA LEU B 258 17.57 -18.71 13.52
C LEU B 258 17.99 -20.18 13.49
N ARG B 259 19.24 -20.43 13.87
CA ARG B 259 19.73 -21.81 13.98
C ARG B 259 18.99 -22.55 15.05
N LYS B 260 18.68 -21.88 16.12
CA LYS B 260 18.01 -22.46 17.28
C LYS B 260 16.57 -22.86 16.98
N HIS B 261 15.83 -21.98 16.32
CA HIS B 261 14.39 -22.21 16.15
C HIS B 261 13.81 -21.81 14.78
N GLY B 262 14.63 -21.22 13.92
CA GLY B 262 14.19 -20.85 12.59
C GLY B 262 13.11 -19.80 12.48
N ASN B 263 12.83 -19.10 13.59
CA ASN B 263 11.70 -18.18 13.65
C ASN B 263 12.19 -16.74 13.72
N VAL B 264 12.11 -16.03 12.60
CA VAL B 264 12.65 -14.68 12.51
C VAL B 264 11.92 -13.69 13.43
N GLN B 265 10.62 -13.88 13.63
CA GLN B 265 9.90 -12.98 14.52
C GLN B 265 10.42 -13.14 15.94
N LEU B 266 10.56 -14.40 16.36
CA LEU B 266 11.08 -14.73 17.69
C LEU B 266 12.50 -14.18 17.85
N ALA B 267 13.34 -14.40 16.84
CA ALA B 267 14.70 -13.85 16.83
C ALA B 267 14.72 -12.32 17.01
N CYS B 268 13.82 -11.65 16.31
CA CYS B 268 13.75 -10.19 16.36
C CYS B 268 13.36 -9.71 17.76
N GLU B 269 12.31 -10.31 18.33
CA GLU B 269 11.87 -9.95 19.67
C GLU B 269 12.97 -10.18 20.71
N SER B 270 13.66 -11.32 20.60
CA SER B 270 14.76 -11.65 21.49
C SER B 270 15.90 -10.64 21.41
N LEU B 271 16.20 -10.22 20.20
CA LEU B 271 17.24 -9.25 19.97
C LEU B 271 16.92 -7.92 20.63
N ALA B 272 15.69 -7.46 20.50
CA ALA B 272 15.28 -6.21 21.12
C ALA B 272 15.45 -6.29 22.63
N GLN B 273 15.11 -7.44 23.21
CA GLN B 273 15.25 -7.61 24.65
C GLN B 273 16.72 -7.57 25.07
N VAL B 274 17.60 -8.14 24.25
CA VAL B 274 19.03 -8.08 24.50
C VAL B 274 19.51 -6.63 24.51
N ALA B 275 18.98 -5.81 23.61
CA ALA B 275 19.34 -4.39 23.60
C ALA B 275 18.98 -3.73 24.94
N LEU B 276 17.78 -4.05 25.43
CA LEU B 276 17.32 -3.54 26.72
C LEU B 276 18.18 -4.11 27.84
N ASP B 277 18.57 -5.38 27.72
CA ASP B 277 19.46 -6.01 28.70
C ASP B 277 20.81 -5.30 28.74
N ARG B 278 21.23 -4.78 27.60
CA ARG B 278 22.47 -4.03 27.51
C ARG B 278 22.23 -2.57 27.85
N ARG B 279 21.10 -2.30 28.48
CA ARG B 279 20.76 -0.97 29.01
C ARG B 279 20.50 0.11 27.94
N SER B 280 19.95 -0.30 26.79
CA SER B 280 19.57 0.69 25.80
C SER B 280 18.58 1.66 26.42
N GLN B 281 18.83 2.95 26.21
CA GLN B 281 17.99 4.01 26.79
C GLN B 281 16.99 4.62 25.81
N ASP B 282 16.93 4.06 24.61
CA ASP B 282 16.20 4.67 23.51
C ASP B 282 15.06 3.79 23.02
N ASN B 283 14.15 4.36 22.22
CA ASN B 283 13.22 3.53 21.46
C ASN B 283 14.04 2.54 20.60
N ILE B 284 13.52 1.32 20.38
CA ILE B 284 14.24 0.29 19.64
C ILE B 284 13.32 -0.30 18.58
N SER B 285 13.75 -0.24 17.33
CA SER B 285 12.96 -0.76 16.21
C SER B 285 13.88 -1.61 15.36
N ILE B 286 13.39 -2.79 14.96
CA ILE B 286 14.22 -3.75 14.26
C ILE B 286 13.32 -4.44 13.24
N ILE B 287 13.80 -4.51 11.99
CA ILE B 287 13.14 -5.29 10.95
C ILE B 287 14.16 -6.24 10.36
N ILE B 288 13.80 -7.51 10.26
CA ILE B 288 14.74 -8.51 9.76
C ILE B 288 14.06 -9.20 8.59
N ALA B 289 14.75 -9.21 7.45
CA ALA B 289 14.30 -10.00 6.31
C ALA B 289 15.09 -11.31 6.31
N ASP B 290 14.39 -12.41 6.58
CA ASP B 290 15.00 -13.73 6.59
C ASP B 290 14.83 -14.33 5.20
N LEU B 291 15.93 -14.56 4.49
CA LEU B 291 15.85 -14.91 3.08
C LEU B 291 15.81 -16.43 2.88
N GLY B 292 15.88 -17.16 3.97
CA GLY B 292 15.61 -18.59 3.92
C GLY B 292 16.68 -19.37 3.22
N ARG B 293 17.84 -18.83 3.21
CA ARG B 293 19.05 -19.33 2.58
C ARG B 293 20.10 -19.43 3.68
N THR B 294 21.36 -19.81 3.24
CA THR B 294 22.51 -20.28 4.02
C THR B 294 22.93 -21.65 3.49
MN MN C . -14.59 -6.68 -18.81
MN MN D . -15.72 -10.17 -17.60
S SO4 E . -18.46 -7.95 -21.31
O1 SO4 E . -19.73 -8.69 -21.36
O2 SO4 E . -18.20 -7.35 -22.63
O3 SO4 E . -18.51 -6.87 -20.32
O4 SO4 E . -17.38 -8.89 -20.99
MN MN F . 16.92 6.67 18.27
MN MN G . 13.97 9.20 18.16
S SO4 H . 17.33 11.70 20.40
O1 SO4 H . 17.18 10.27 20.66
O2 SO4 H . 16.81 12.04 19.07
O3 SO4 H . 16.54 12.44 21.39
O4 SO4 H . 18.72 12.09 20.50
#